data_1O1Y
#
_entry.id   1O1Y
#
_cell.length_a   92.362
_cell.length_b   92.362
_cell.length_c   135.833
_cell.angle_alpha   90.00
_cell.angle_beta   90.00
_cell.angle_gamma   120.00
#
_symmetry.space_group_name_H-M   'P 65 2 2'
#
loop_
_entity.id
_entity.type
_entity.pdbx_description
1 polymer 'conserved hypothetical protein TM1158'
2 non-polymer 'SULFATE ION'
3 water water
#
_entity_poly.entity_id   1
_entity_poly.type   'polypeptide(L)'
_entity_poly.pdbx_seq_one_letter_code
;(MSE)GSDKIHHHHHHVRVLAIRHVEIEDLG(MSE)(MSE)EDIFREKNWSFDYLDTPKGEKLERPLEEYSLVVLLGGY
(MSE)GAYEEEKYPFLKYEFQLIEEILKKEIPFLGI(OCS)LGSQ(MSE)LAKVLGASVYRGKNGEEIGWYFVEKVSDNK
FFREFPDRLRVFQWHGDTFDLPRRATRVFTSEKYENQGFVYGKAVGLQFHIEVGART(MSE)KRWIEAYKDELEKKKIDP
RLLLETAEREEKVLKGLLRSLLER(MSE)VES
;
_entity_poly.pdbx_strand_id   A
#
# COMPACT_ATOMS: atom_id res chain seq x y z
N HIS A 10 21.49 -5.69 13.95
CA HIS A 10 21.39 -5.05 12.60
C HIS A 10 21.40 -6.12 11.49
N HIS A 11 20.36 -6.95 11.49
CA HIS A 11 20.25 -8.11 10.58
C HIS A 11 20.05 -7.67 9.10
N HIS A 12 20.51 -8.54 8.21
CA HIS A 12 20.11 -8.48 6.82
C HIS A 12 18.57 -8.45 6.58
N VAL A 13 18.08 -7.61 5.68
CA VAL A 13 16.66 -7.39 5.54
C VAL A 13 15.98 -8.47 4.67
N ARG A 14 14.96 -9.12 5.24
CA ARG A 14 14.01 -9.92 4.46
C ARG A 14 12.62 -9.31 4.59
N VAL A 15 11.92 -9.18 3.46
CA VAL A 15 10.62 -8.59 3.40
C VAL A 15 9.59 -9.69 3.10
N LEU A 16 8.45 -9.63 3.77
CA LEU A 16 7.26 -10.42 3.45
C LEU A 16 6.31 -9.54 2.64
N ALA A 17 5.96 -10.01 1.47
CA ALA A 17 5.07 -9.30 0.55
C ALA A 17 3.76 -10.11 0.41
N ILE A 18 2.71 -9.65 1.09
CA ILE A 18 1.42 -10.30 1.09
C ILE A 18 0.60 -9.71 -0.08
N ARG A 19 0.33 -10.56 -1.04
CA ARG A 19 -0.22 -10.19 -2.33
C ARG A 19 -1.60 -10.82 -2.60
N HIS A 20 -2.54 -9.98 -2.97
CA HIS A 20 -3.90 -10.42 -3.26
C HIS A 20 -4.22 -10.65 -4.70
N VAL A 21 -3.53 -9.92 -5.58
CA VAL A 21 -3.78 -9.95 -7.01
C VAL A 21 -2.40 -9.98 -7.65
N GLU A 22 -2.16 -10.92 -8.55
CA GLU A 22 -0.80 -11.15 -9.06
C GLU A 22 -0.17 -9.89 -9.68
N ILE A 23 -0.98 -9.16 -10.45
CA ILE A 23 -0.55 -7.92 -11.10
C ILE A 23 -0.26 -6.81 -10.11
N GLU A 24 -0.97 -6.82 -9.01
CA GLU A 24 -0.85 -5.78 -8.00
C GLU A 24 0.23 -6.22 -7.03
N ASP A 25 1.44 -6.16 -7.54
CA ASP A 25 2.60 -6.72 -6.88
C ASP A 25 3.46 -5.64 -6.24
N LEU A 26 4.73 -5.93 -5.97
CA LEU A 26 5.58 -4.96 -5.29
C LEU A 26 5.91 -3.74 -6.13
N GLY A 27 5.66 -3.81 -7.43
CA GLY A 27 5.98 -2.69 -8.30
C GLY A 27 7.46 -2.34 -8.20
N GLU A 30 10.06 -3.97 -5.79
CA GLU A 30 10.90 -5.12 -6.20
C GLU A 30 12.30 -4.69 -6.71
N ASP A 31 12.32 -3.65 -7.54
CA ASP A 31 13.52 -3.07 -8.05
C ASP A 31 14.41 -2.55 -6.89
N ILE A 32 13.77 -1.87 -5.95
CA ILE A 32 14.50 -1.36 -4.79
C ILE A 32 15.06 -2.49 -3.94
N PHE A 33 14.28 -3.52 -3.70
CA PHE A 33 14.74 -4.64 -2.88
C PHE A 33 15.89 -5.29 -3.57
N ARG A 34 15.78 -5.46 -4.89
CA ARG A 34 16.88 -6.05 -5.62
C ARG A 34 18.17 -5.19 -5.57
N GLU A 35 18.01 -3.89 -5.74
CA GLU A 35 19.11 -2.92 -5.70
C GLU A 35 19.87 -3.04 -4.38
N LYS A 36 19.14 -3.29 -3.31
CA LYS A 36 19.71 -3.35 -1.95
C LYS A 36 20.01 -4.77 -1.49
N ASN A 37 19.86 -5.74 -2.39
CA ASN A 37 19.99 -7.18 -2.03
C ASN A 37 19.14 -7.52 -0.77
N TRP A 38 18.00 -6.88 -0.64
CA TRP A 38 17.02 -7.34 0.34
C TRP A 38 16.32 -8.62 -0.16
N SER A 39 16.26 -9.65 0.68
CA SER A 39 15.47 -10.86 0.35
C SER A 39 14.00 -10.52 0.47
N PHE A 40 13.18 -11.19 -0.34
CA PHE A 40 11.73 -11.07 -0.19
C PHE A 40 11.00 -12.34 -0.58
N ASP A 41 9.92 -12.60 0.14
CA ASP A 41 9.01 -13.72 -0.12
C ASP A 41 7.65 -13.15 -0.42
N TYR A 42 7.07 -13.53 -1.57
CA TYR A 42 5.66 -13.24 -1.78
C TYR A 42 4.85 -14.29 -1.00
N LEU A 43 3.80 -13.84 -0.37
CA LEU A 43 2.80 -14.73 0.24
C LEU A 43 1.47 -14.48 -0.50
N ASP A 44 1.08 -15.42 -1.33
CA ASP A 44 -0.15 -15.33 -2.13
C ASP A 44 -1.23 -16.12 -1.41
N THR A 45 -1.85 -15.45 -0.46
CA THR A 45 -2.83 -16.10 0.38
C THR A 45 -4.06 -16.60 -0.39
N PRO A 46 -4.48 -15.94 -1.47
CA PRO A 46 -5.63 -16.48 -2.23
C PRO A 46 -5.35 -17.82 -2.84
N LYS A 47 -4.08 -18.17 -2.96
CA LYS A 47 -3.69 -19.49 -3.44
C LYS A 47 -3.62 -20.54 -2.35
N GLY A 48 -4.02 -20.19 -1.13
CA GLY A 48 -3.89 -21.07 0.01
C GLY A 48 -2.53 -21.05 0.70
N GLU A 49 -1.66 -20.15 0.28
CA GLU A 49 -0.31 -20.11 0.85
C GLU A 49 -0.36 -19.62 2.29
N LYS A 50 0.47 -20.23 3.13
CA LYS A 50 0.72 -19.77 4.50
C LYS A 50 2.19 -19.44 4.65
N LEU A 51 2.53 -18.79 5.76
CA LEU A 51 3.91 -18.37 5.96
C LEU A 51 4.87 -19.53 5.75
N GLU A 52 5.96 -19.27 5.04
CA GLU A 52 7.01 -20.25 4.83
C GLU A 52 8.10 -20.10 5.92
N ARG A 53 8.02 -19.02 6.69
CA ARG A 53 8.94 -18.71 7.81
C ARG A 53 8.17 -18.03 8.91
N PRO A 54 8.63 -18.10 10.15
CA PRO A 54 8.03 -17.31 11.22
C PRO A 54 8.15 -15.81 10.97
N LEU A 55 7.17 -15.06 11.46
CA LEU A 55 7.14 -13.63 11.25
C LEU A 55 8.38 -12.94 11.73
N GLU A 56 9.04 -13.51 12.73
CA GLU A 56 10.24 -12.91 13.24
C GLU A 56 11.40 -12.94 12.26
N GLU A 57 11.37 -13.84 11.26
CA GLU A 57 12.40 -13.80 10.21
C GLU A 57 12.28 -12.59 9.25
N TYR A 58 11.18 -11.84 9.29
CA TYR A 58 10.98 -10.72 8.41
C TYR A 58 11.22 -9.38 9.10
N SER A 59 11.91 -8.48 8.42
CA SER A 59 12.19 -7.11 8.89
C SER A 59 11.14 -6.09 8.53
N LEU A 60 10.28 -6.45 7.58
CA LEU A 60 9.26 -5.59 7.05
C LEU A 60 8.22 -6.50 6.43
N VAL A 61 6.97 -6.13 6.62
CA VAL A 61 5.86 -6.77 5.97
C VAL A 61 5.14 -5.74 5.15
N VAL A 62 4.90 -6.06 3.90
CA VAL A 62 4.11 -5.19 3.02
C VAL A 62 2.81 -5.91 2.67
N LEU A 63 1.69 -5.27 2.93
CA LEU A 63 0.38 -5.79 2.56
C LEU A 63 -0.19 -4.98 1.40
N LEU A 64 -0.24 -5.61 0.25
CA LEU A 64 -0.59 -4.97 -1.01
C LEU A 64 -2.12 -4.82 -1.21
N GLY A 65 -2.49 -4.16 -2.30
CA GLY A 65 -3.87 -3.79 -2.58
C GLY A 65 -4.68 -4.94 -3.13
N GLY A 66 -5.91 -4.62 -3.53
CA GLY A 66 -6.78 -5.56 -4.15
C GLY A 66 -8.23 -5.06 -4.12
N TYR A 67 -9.10 -5.78 -4.78
CA TYR A 67 -10.49 -5.33 -4.95
C TYR A 67 -11.41 -5.87 -3.85
N GLY A 69 -13.33 -6.39 -0.37
CA GLY A 69 -13.72 -5.48 0.68
C GLY A 69 -13.16 -5.95 2.02
N ALA A 70 -12.91 -5.02 2.93
CA ALA A 70 -12.35 -5.33 4.23
C ALA A 70 -13.25 -6.19 5.10
N TYR A 71 -14.57 -6.22 4.87
CA TYR A 71 -15.48 -7.03 5.64
C TYR A 71 -15.90 -8.26 4.88
N GLU A 72 -15.20 -8.62 3.81
CA GLU A 72 -15.68 -9.72 2.96
C GLU A 72 -14.95 -11.04 3.25
N GLU A 73 -14.78 -11.35 4.54
CA GLU A 73 -14.11 -12.59 4.91
C GLU A 73 -14.81 -13.86 4.50
N GLU A 74 -16.15 -13.86 4.41
CA GLU A 74 -16.89 -15.06 3.98
C GLU A 74 -16.66 -15.34 2.50
N LYS A 75 -16.66 -14.30 1.68
CA LYS A 75 -16.35 -14.41 0.25
C LYS A 75 -14.90 -14.78 0.02
N TYR A 76 -14.00 -14.21 0.81
CA TYR A 76 -12.54 -14.33 0.65
C TYR A 76 -11.94 -14.83 1.98
N PRO A 77 -12.06 -16.11 2.27
CA PRO A 77 -11.62 -16.64 3.56
C PRO A 77 -10.13 -16.42 3.87
N PHE A 78 -9.29 -16.25 2.85
CA PHE A 78 -7.88 -15.92 3.08
C PHE A 78 -7.69 -14.63 3.89
N LEU A 79 -8.66 -13.72 3.84
CA LEU A 79 -8.57 -12.49 4.59
C LEU A 79 -8.55 -12.74 6.09
N LYS A 80 -9.25 -13.76 6.56
CA LYS A 80 -9.24 -14.10 7.97
C LYS A 80 -7.81 -14.39 8.46
N TYR A 81 -7.06 -15.17 7.68
CA TYR A 81 -5.65 -15.45 7.99
C TYR A 81 -4.80 -14.18 7.98
N GLU A 82 -5.02 -13.33 6.99
CA GLU A 82 -4.32 -12.07 6.90
C GLU A 82 -4.60 -11.18 8.07
N PHE A 83 -5.86 -11.07 8.48
CA PHE A 83 -6.17 -10.28 9.69
C PHE A 83 -5.42 -10.82 10.93
N GLN A 84 -5.31 -12.13 11.04
CA GLN A 84 -4.58 -12.75 12.13
C GLN A 84 -3.11 -12.35 12.06
N LEU A 85 -2.54 -12.33 10.87
CA LEU A 85 -1.13 -11.90 10.71
C LEU A 85 -0.94 -10.45 11.12
N ILE A 86 -1.86 -9.58 10.71
CA ILE A 86 -1.76 -8.17 11.07
C ILE A 86 -1.74 -8.00 12.59
N GLU A 87 -2.62 -8.70 13.29
CA GLU A 87 -2.69 -8.64 14.72
C GLU A 87 -1.34 -9.04 15.33
N GLU A 88 -0.75 -10.10 14.79
CA GLU A 88 0.54 -10.57 15.31
C GLU A 88 1.66 -9.59 14.98
N ILE A 89 1.61 -9.01 13.80
CA ILE A 89 2.61 -8.04 13.35
C ILE A 89 2.59 -6.79 14.24
N LEU A 90 1.39 -6.34 14.62
CA LEU A 90 1.28 -5.23 15.56
C LEU A 90 1.81 -5.59 16.92
N LYS A 91 1.48 -6.79 17.41
CA LYS A 91 1.94 -7.20 18.72
C LYS A 91 3.45 -7.29 18.80
N LYS A 92 4.06 -7.78 17.72
CA LYS A 92 5.51 -8.05 17.69
C LYS A 92 6.24 -6.77 17.24
N GLU A 93 5.47 -5.74 16.87
CA GLU A 93 5.98 -4.43 16.45
C GLU A 93 6.95 -4.54 15.28
N ILE A 94 6.59 -5.39 14.30
CA ILE A 94 7.36 -5.51 13.06
C ILE A 94 6.93 -4.38 12.13
N PRO A 95 7.88 -3.70 11.49
CA PRO A 95 7.49 -2.69 10.50
C PRO A 95 6.53 -3.25 9.48
N PHE A 96 5.50 -2.46 9.18
CA PHE A 96 4.40 -2.90 8.33
C PHE A 96 3.99 -1.76 7.45
N LEU A 97 3.83 -2.04 6.18
CA LEU A 97 3.34 -1.06 5.22
C LEU A 97 2.14 -1.66 4.49
N GLY A 98 0.97 -1.09 4.73
CA GLY A 98 -0.23 -1.51 4.00
C GLY A 98 -0.63 -0.53 2.94
N ILE A 99 -0.85 -0.97 1.72
CA ILE A 99 -1.16 -0.10 0.59
C ILE A 99 -2.55 -0.45 0.07
N LEU A 101 -6.01 -1.62 -0.27
CA LEU A 101 -6.72 -2.56 0.62
C LEU A 101 -5.94 -2.82 1.91
N GLY A 102 -4.62 -2.96 1.80
CA GLY A 102 -3.74 -3.13 2.93
C GLY A 102 -3.92 -2.05 3.98
N SER A 103 -4.06 -0.79 3.55
CA SER A 103 -4.24 0.31 4.49
C SER A 103 -5.61 0.20 5.18
N GLN A 104 -6.62 -0.21 4.43
CA GLN A 104 -7.98 -0.37 4.97
C GLN A 104 -8.05 -1.52 5.95
N LEU A 106 -5.52 -2.61 7.75
CA LEU A 106 -4.83 -2.13 8.94
C LEU A 106 -5.75 -1.23 9.77
N ALA A 107 -6.43 -0.29 9.12
CA ALA A 107 -7.38 0.60 9.82
C ALA A 107 -8.44 -0.20 10.58
N LYS A 108 -8.99 -1.21 9.94
CA LYS A 108 -9.97 -2.09 10.57
C LYS A 108 -9.43 -2.78 11.83
N VAL A 109 -8.23 -3.34 11.74
CA VAL A 109 -7.62 -4.01 12.89
C VAL A 109 -7.44 -3.02 14.06
N LEU A 110 -7.18 -1.76 13.72
CA LEU A 110 -6.98 -0.68 14.71
C LEU A 110 -8.33 -0.06 15.11
N GLY A 111 -9.43 -0.67 14.69
CA GLY A 111 -10.73 -0.33 15.21
C GLY A 111 -11.57 0.65 14.40
N ALA A 112 -11.11 1.04 13.22
CA ALA A 112 -11.79 2.08 12.42
C ALA A 112 -12.67 1.44 11.36
N SER A 113 -13.76 2.11 11.00
CA SER A 113 -14.65 1.66 9.95
C SER A 113 -14.03 1.88 8.59
N VAL A 114 -14.34 0.98 7.68
CA VAL A 114 -14.03 1.07 6.29
C VAL A 114 -15.35 1.09 5.51
N TYR A 115 -15.39 1.90 4.46
CA TYR A 115 -16.65 2.13 3.75
C TYR A 115 -16.45 2.74 2.41
N ARG A 116 -17.49 2.65 1.60
CA ARG A 116 -17.48 3.22 0.25
C ARG A 116 -17.32 4.73 0.34
N GLY A 117 -16.36 5.26 -0.43
CA GLY A 117 -16.17 6.68 -0.50
C GLY A 117 -17.35 7.42 -1.08
N LYS A 118 -17.71 8.55 -0.49
CA LYS A 118 -18.89 9.29 -0.94
C LYS A 118 -18.57 10.41 -1.92
N ASN A 119 -17.31 10.53 -2.31
CA ASN A 119 -16.86 11.56 -3.24
C ASN A 119 -16.31 10.97 -4.52
N GLY A 120 -16.82 9.81 -4.91
CA GLY A 120 -16.41 9.11 -6.11
C GLY A 120 -15.13 8.31 -5.95
N GLU A 121 -14.90 7.42 -6.90
CA GLU A 121 -13.66 6.66 -6.95
C GLU A 121 -12.50 7.56 -7.38
N GLU A 122 -11.32 7.21 -6.94
CA GLU A 122 -10.08 7.81 -7.43
C GLU A 122 -9.37 6.77 -8.25
N ILE A 123 -9.36 6.94 -9.57
CA ILE A 123 -8.64 6.05 -10.45
C ILE A 123 -7.83 6.95 -11.36
N GLY A 124 -6.52 6.96 -11.14
CA GLY A 124 -5.65 7.88 -11.87
C GLY A 124 -4.71 8.65 -11.00
N TRP A 125 -4.26 9.80 -11.50
CA TRP A 125 -3.21 10.55 -10.80
C TRP A 125 -3.83 11.74 -10.07
N TYR A 126 -3.57 11.85 -8.77
CA TYR A 126 -4.21 12.83 -7.91
C TYR A 126 -3.18 13.36 -6.95
N PHE A 127 -3.41 14.57 -6.46
CA PHE A 127 -2.65 15.08 -5.30
C PHE A 127 -3.10 14.50 -3.96
N VAL A 128 -2.13 14.32 -3.08
CA VAL A 128 -2.31 14.14 -1.66
C VAL A 128 -1.42 15.17 -1.00
N GLU A 129 -1.82 15.57 0.19
CA GLU A 129 -1.08 16.57 0.94
C GLU A 129 -0.63 15.96 2.30
N LYS A 130 0.58 16.30 2.66
CA LYS A 130 1.24 15.80 3.86
C LYS A 130 0.99 16.69 5.06
N VAL A 131 0.37 16.10 6.09
CA VAL A 131 -0.15 16.83 7.21
C VAL A 131 0.52 16.43 8.54
N SER A 132 1.71 15.85 8.44
CA SER A 132 2.47 15.45 9.62
C SER A 132 3.97 15.54 9.37
N ASP A 133 4.74 15.82 10.41
CA ASP A 133 6.21 15.73 10.36
C ASP A 133 6.73 14.35 10.77
N ASN A 134 5.89 13.34 10.74
CA ASN A 134 6.31 11.95 11.04
C ASN A 134 7.59 11.61 10.30
N LYS A 135 8.53 11.05 11.03
CA LYS A 135 9.87 10.80 10.55
C LYS A 135 9.95 9.90 9.31
N PHE A 136 9.04 8.95 9.18
CA PHE A 136 9.10 8.02 8.05
C PHE A 136 8.95 8.75 6.73
N PHE A 137 8.22 9.87 6.77
CA PHE A 137 7.87 10.63 5.57
C PHE A 137 8.58 11.97 5.50
N ARG A 138 9.64 12.15 6.29
CA ARG A 138 10.34 13.41 6.34
C ARG A 138 10.82 13.93 4.99
N GLU A 139 11.18 13.04 4.07
CA GLU A 139 11.66 13.46 2.76
C GLU A 139 10.53 13.81 1.80
N PHE A 140 9.28 13.52 2.19
CA PHE A 140 8.16 13.69 1.27
C PHE A 140 7.77 15.17 1.24
N PRO A 141 7.30 15.67 0.08
CA PRO A 141 6.92 17.09 -0.02
C PRO A 141 5.52 17.33 0.56
N ASP A 142 5.14 18.60 0.68
CA ASP A 142 3.84 18.98 1.21
C ASP A 142 2.69 18.54 0.30
N ARG A 143 2.94 18.53 -1.00
CA ARG A 143 1.89 18.23 -1.98
C ARG A 143 2.50 17.35 -3.05
N LEU A 144 1.93 16.16 -3.24
CA LEU A 144 2.59 15.08 -4.02
C LEU A 144 1.53 14.49 -4.96
N ARG A 145 1.92 14.31 -6.23
CA ARG A 145 1.08 13.59 -7.18
C ARG A 145 1.34 12.10 -7.07
N VAL A 146 0.27 11.36 -6.82
CA VAL A 146 0.33 9.92 -6.61
C VAL A 146 -0.74 9.17 -7.40
N PHE A 147 -0.57 7.87 -7.51
CA PHE A 147 -1.50 7.05 -8.29
C PHE A 147 -2.55 6.36 -7.37
N GLN A 148 -3.80 6.48 -7.75
CA GLN A 148 -4.93 6.00 -6.97
C GLN A 148 -5.72 5.02 -7.78
N TRP A 149 -6.21 4.00 -7.10
CA TRP A 149 -7.17 3.09 -7.70
C TRP A 149 -8.06 2.51 -6.61
N HIS A 150 -9.01 3.30 -6.13
CA HIS A 150 -9.82 2.86 -4.98
C HIS A 150 -11.18 3.54 -4.99
N GLY A 151 -12.15 2.82 -4.45
CA GLY A 151 -13.47 3.31 -4.21
C GLY A 151 -13.81 3.37 -2.74
N ASP A 152 -13.08 2.66 -1.90
CA ASP A 152 -13.36 2.66 -0.46
C ASP A 152 -12.40 3.59 0.25
N THR A 153 -12.82 4.00 1.42
CA THR A 153 -11.97 4.76 2.35
C THR A 153 -12.19 4.30 3.80
N PHE A 154 -11.65 5.03 4.77
CA PHE A 154 -11.72 4.63 6.14
C PHE A 154 -11.69 5.84 7.06
N ASP A 155 -12.14 5.63 8.29
CA ASP A 155 -11.94 6.56 9.39
C ASP A 155 -10.51 6.42 9.92
N LEU A 156 -9.98 7.49 10.50
CA LEU A 156 -8.65 7.45 11.12
C LEU A 156 -8.73 6.72 12.44
N PRO A 157 -7.95 5.64 12.63
CA PRO A 157 -8.01 4.94 13.90
C PRO A 157 -7.61 5.86 15.04
N ARG A 158 -8.18 5.58 16.18
CA ARG A 158 -8.01 6.44 17.35
C ARG A 158 -6.54 6.57 17.69
N ARG A 159 -5.82 5.49 17.66
CA ARG A 159 -4.43 5.66 18.10
C ARG A 159 -3.45 6.20 16.99
N ALA A 160 -3.97 6.39 15.78
CA ALA A 160 -3.13 6.70 14.64
C ALA A 160 -2.93 8.19 14.40
N THR A 161 -1.80 8.52 13.78
CA THR A 161 -1.52 9.85 13.27
C THR A 161 -1.83 9.93 11.83
N ARG A 162 -2.67 10.89 11.43
CA ARG A 162 -2.87 11.12 10.00
C ARG A 162 -1.60 11.76 9.41
N VAL A 163 -1.12 11.20 8.31
CA VAL A 163 0.05 11.72 7.63
C VAL A 163 -0.30 12.32 6.27
N PHE A 164 -1.28 11.76 5.59
CA PHE A 164 -1.75 12.31 4.33
C PHE A 164 -3.25 12.51 4.28
N THR A 165 -3.62 13.59 3.61
CA THR A 165 -5.00 13.90 3.28
C THR A 165 -5.16 14.22 1.80
N SER A 166 -6.39 14.54 1.39
CA SER A 166 -6.66 14.95 0.03
C SER A 166 -7.94 15.74 -0.03
N GLU A 167 -8.17 16.36 -1.19
CA GLU A 167 -9.42 17.02 -1.42
C GLU A 167 -10.64 16.08 -1.38
N LYS A 168 -10.56 14.91 -2.01
CA LYS A 168 -11.71 14.00 -1.99
C LYS A 168 -11.89 13.18 -0.72
N TYR A 169 -10.78 12.80 -0.08
CA TYR A 169 -10.76 11.87 1.06
C TYR A 169 -9.85 12.42 2.14
N GLU A 170 -10.44 12.63 3.31
CA GLU A 170 -9.70 13.18 4.43
C GLU A 170 -8.55 12.25 4.83
N ASN A 171 -8.77 10.94 4.73
CA ASN A 171 -7.79 9.96 5.22
C ASN A 171 -7.09 9.22 4.09
N GLN A 172 -5.90 9.70 3.75
CA GLN A 172 -5.11 9.09 2.67
C GLN A 172 -3.96 8.26 3.19
N GLY A 173 -3.49 8.54 4.39
CA GLY A 173 -2.37 7.81 4.95
C GLY A 173 -2.22 8.08 6.44
N PHE A 174 -1.76 7.07 7.19
CA PHE A 174 -1.63 7.18 8.62
C PHE A 174 -0.50 6.30 9.10
N VAL A 175 -0.08 6.57 10.32
CA VAL A 175 0.94 5.79 11.00
C VAL A 175 0.46 5.47 12.43
N TYR A 176 0.78 4.27 12.86
CA TYR A 176 0.53 3.78 14.22
C TYR A 176 1.72 2.93 14.60
N GLY A 177 2.59 3.47 15.44
CA GLY A 177 3.80 2.76 15.85
C GLY A 177 4.70 2.60 14.64
N LYS A 178 5.07 1.36 14.35
CA LYS A 178 5.82 1.02 13.14
C LYS A 178 4.98 0.56 11.97
N ALA A 179 3.66 0.72 12.09
CA ALA A 179 2.73 0.36 11.03
C ALA A 179 2.23 1.59 10.30
N VAL A 180 2.26 1.48 8.98
CA VAL A 180 1.94 2.56 8.08
C VAL A 180 0.86 2.09 7.15
N GLY A 181 -0.15 2.91 6.93
CA GLY A 181 -1.15 2.65 5.91
C GLY A 181 -1.20 3.78 4.91
N LEU A 182 -1.10 3.45 3.64
CA LEU A 182 -1.24 4.43 2.54
C LEU A 182 -2.33 3.99 1.63
N GLN A 183 -3.31 4.84 1.38
CA GLN A 183 -4.38 4.50 0.46
C GLN A 183 -3.88 4.40 -1.00
N PHE A 184 -2.87 5.23 -1.30
CA PHE A 184 -2.38 5.47 -2.64
C PHE A 184 -1.10 4.65 -2.99
N HIS A 185 -0.70 4.77 -4.24
CA HIS A 185 0.43 4.04 -4.80
C HIS A 185 1.55 5.00 -5.18
N ILE A 186 2.74 4.76 -4.61
CA ILE A 186 3.95 5.39 -5.06
C ILE A 186 4.90 4.34 -5.63
N GLU A 187 4.43 3.10 -5.75
CA GLU A 187 5.24 1.99 -6.31
C GLU A 187 4.96 1.67 -7.76
N VAL A 188 3.99 2.37 -8.35
CA VAL A 188 3.62 2.11 -9.74
C VAL A 188 4.33 3.12 -10.65
N GLY A 189 5.39 2.64 -11.26
CA GLY A 189 6.15 3.33 -12.28
C GLY A 189 5.64 2.95 -13.65
N ALA A 190 6.36 3.34 -14.69
CA ALA A 190 5.88 3.10 -16.04
C ALA A 190 5.79 1.60 -16.39
N ARG A 191 6.78 0.80 -16.02
CA ARG A 191 6.78 -0.65 -16.33
C ARG A 191 5.58 -1.35 -15.67
N THR A 192 5.31 -1.05 -14.42
CA THR A 192 4.18 -1.61 -13.69
C THR A 192 2.83 -1.08 -14.27
N LYS A 194 2.18 -0.23 -17.30
CA LYS A 194 1.87 -0.94 -18.51
C LYS A 194 1.12 -2.26 -18.20
N ARG A 195 1.56 -2.96 -17.17
CA ARG A 195 0.91 -4.22 -16.77
C ARG A 195 -0.52 -3.99 -16.28
N TRP A 196 -0.71 -2.94 -15.51
CA TRP A 196 -2.04 -2.63 -14.94
C TRP A 196 -3.02 -2.21 -16.03
N ILE A 197 -2.56 -1.38 -16.96
CA ILE A 197 -3.46 -0.95 -18.02
C ILE A 197 -3.84 -2.09 -18.95
N GLU A 198 -2.95 -3.04 -19.18
CA GLU A 198 -3.31 -4.24 -19.90
C GLU A 198 -4.26 -5.14 -19.08
N ALA A 199 -4.00 -5.31 -17.79
CA ALA A 199 -4.81 -6.20 -16.97
C ALA A 199 -6.25 -5.66 -16.84
N TYR A 200 -6.37 -4.33 -16.80
CA TYR A 200 -7.63 -3.66 -16.48
C TYR A 200 -8.15 -2.81 -17.62
N LYS A 201 -7.78 -3.22 -18.81
CA LYS A 201 -8.10 -2.55 -20.04
C LYS A 201 -9.62 -2.35 -20.20
N ASP A 202 -10.43 -3.36 -19.89
CA ASP A 202 -11.90 -3.21 -20.09
C ASP A 202 -12.53 -2.31 -19.04
N GLU A 203 -12.06 -2.38 -17.81
CA GLU A 203 -12.53 -1.48 -16.76
C GLU A 203 -12.21 -0.03 -17.09
N LEU A 204 -10.97 0.20 -17.55
CA LEU A 204 -10.59 1.51 -18.00
C LEU A 204 -11.46 1.98 -19.18
N GLU A 205 -11.74 1.10 -20.14
CA GLU A 205 -12.61 1.45 -21.28
C GLU A 205 -14.01 1.80 -20.77
N LYS A 206 -14.56 0.96 -19.88
CA LYS A 206 -15.92 1.15 -19.36
C LYS A 206 -16.05 2.54 -18.71
N LYS A 207 -15.01 2.90 -17.97
CA LYS A 207 -14.97 4.16 -17.21
C LYS A 207 -14.42 5.33 -18.04
N LYS A 208 -14.08 5.05 -19.29
CA LYS A 208 -13.58 6.05 -20.23
C LYS A 208 -12.37 6.81 -19.66
N ILE A 209 -11.41 6.06 -19.12
CA ILE A 209 -10.17 6.60 -18.56
C ILE A 209 -9.07 6.29 -19.57
N ASP A 210 -8.35 7.34 -20.00
CA ASP A 210 -7.36 7.23 -21.08
C ASP A 210 -6.06 6.60 -20.55
N PRO A 211 -5.76 5.40 -21.02
CA PRO A 211 -4.58 4.68 -20.52
C PRO A 211 -3.25 5.33 -20.96
N ARG A 212 -3.27 6.01 -22.11
CA ARG A 212 -2.11 6.76 -22.64
C ARG A 212 -1.67 7.81 -21.65
N LEU A 213 -2.61 8.54 -21.09
CA LEU A 213 -2.27 9.55 -20.11
C LEU A 213 -1.82 8.99 -18.76
N LEU A 214 -2.45 7.91 -18.27
CA LEU A 214 -1.93 7.25 -17.09
C LEU A 214 -0.45 6.86 -17.27
N LEU A 215 -0.10 6.35 -18.43
CA LEU A 215 1.25 5.86 -18.64
C LEU A 215 2.25 7.03 -18.77
N GLU A 216 1.84 8.07 -19.50
CA GLU A 216 2.70 9.22 -19.69
C GLU A 216 2.98 9.87 -18.36
N THR A 217 1.97 9.99 -17.51
CA THR A 217 2.21 10.53 -16.17
C THR A 217 3.10 9.62 -15.33
N ALA A 218 2.90 8.29 -15.43
CA ALA A 218 3.76 7.35 -14.68
C ALA A 218 5.25 7.59 -15.09
N GLU A 219 5.50 7.75 -16.39
CA GLU A 219 6.88 7.99 -16.91
C GLU A 219 7.42 9.32 -16.31
N ARG A 220 6.58 10.35 -16.18
CA ARG A 220 7.03 11.63 -15.67
C ARG A 220 7.29 11.61 -14.15
N GLU A 221 6.51 10.84 -13.41
CA GLU A 221 6.56 10.82 -11.97
C GLU A 221 7.48 9.75 -11.37
N GLU A 222 7.85 8.74 -12.15
CA GLU A 222 8.43 7.53 -11.55
C GLU A 222 9.75 7.78 -10.83
N LYS A 223 10.59 8.66 -11.35
CA LYS A 223 11.89 8.90 -10.70
C LYS A 223 11.71 9.55 -9.29
N VAL A 224 10.86 10.57 -9.20
CA VAL A 224 10.60 11.22 -7.93
C VAL A 224 9.95 10.24 -6.96
N LEU A 225 8.96 9.48 -7.46
CA LEU A 225 8.26 8.55 -6.59
C LEU A 225 9.21 7.44 -6.10
N LYS A 226 10.06 6.92 -6.98
CA LYS A 226 10.99 5.88 -6.58
C LYS A 226 11.94 6.37 -5.49
N GLY A 227 12.41 7.59 -5.62
CA GLY A 227 13.29 8.17 -4.62
C GLY A 227 12.61 8.30 -3.25
N LEU A 228 11.36 8.74 -3.24
CA LEU A 228 10.60 8.84 -1.98
C LEU A 228 10.32 7.47 -1.35
N LEU A 229 10.00 6.51 -2.19
CA LEU A 229 9.73 5.15 -1.79
C LEU A 229 11.01 4.54 -1.14
N ARG A 230 12.16 4.77 -1.76
CA ARG A 230 13.45 4.33 -1.20
C ARG A 230 13.65 4.94 0.20
N SER A 231 13.36 6.24 0.33
CA SER A 231 13.54 6.92 1.61
C SER A 231 12.63 6.29 2.66
N LEU A 232 11.36 6.13 2.32
CA LEU A 232 10.39 5.49 3.21
C LEU A 232 10.89 4.12 3.68
N LEU A 233 11.29 3.28 2.74
CA LEU A 233 11.70 1.92 3.05
C LEU A 233 12.92 1.90 3.92
N GLU A 234 13.90 2.75 3.62
CA GLU A 234 15.09 2.79 4.42
C GLU A 234 14.78 3.17 5.86
N ARG A 235 13.90 4.15 6.02
CA ARG A 235 13.55 4.59 7.35
C ARG A 235 12.74 3.55 8.11
N VAL A 237 12.90 0.24 7.91
CA VAL A 237 13.71 -0.91 8.34
C VAL A 237 14.93 -0.52 9.15
N GLU A 238 15.18 0.77 9.31
CA GLU A 238 16.43 1.26 9.90
C GLU A 238 16.62 0.75 11.31
N SER A 239 17.85 0.28 11.58
CA SER A 239 18.24 -0.28 12.86
C SER A 239 19.31 0.62 13.50
#